data_6T7K
#
_entry.id   6T7K
#
_cell.length_a   102.999
_cell.length_b   102.999
_cell.length_c   126.831
_cell.angle_alpha   90.000
_cell.angle_beta   90.000
_cell.angle_gamma   120.000
#
_symmetry.space_group_name_H-M   'P 32 2 1'
#
loop_
_entity.id
_entity.type
_entity.pdbx_description
1 polymer 'Proline--tRNA ligase'
2 non-polymer PROLINE
3 non-polymer ~{N}-(2,3-dihydro-1~{H}-inden-2-yl)-3-(piperidin-1-ylcarbonylamino)pyrazine-2-carboxamide
4 non-polymer 1,2-ETHANEDIOL
5 water water
#
_entity_poly.entity_id   1
_entity_poly.type   'polypeptide(L)'
_entity_poly.pdbx_seq_one_letter_code
;SDNAIASNILGITSKKIENFSDWYTQVIVKSELIEYYDISGCYILRPAAYYIWECVQAFFNKEIKKLNVENSYFPLFVTK
NKLEKEKNHIEGFSPEVAWVTKYGDSNLPEEIAIRPTSETIMYSVFPKWIRSYRDLPLKLNQWNTVVRWEFKQPTPFIRT
REFLWQEGHTAHKNEEEAVKLVFDILDLYRRWYEEYLAVPIIKGIKSEGEKFGGANFTSTAEAFISENGRAIQAATSHYL
GTNFAKMFKIEFEDENEVKQYVHQTSWGCTTRSIGIMIMTHGDDKGLVLPPNVSKYKVVIVPIFYKTTDENAIHSYCKDI
EKILKNAQINCVYDDRASYSPGYKFNHWELRGIPIRIEVGPKDLQNNSCVIVRRDNNEKCNVKKESVLLETQQMLVDIHK
NLFLKAKKKLDDSIVQVTSFSEVMNALNKKKMVLAPWCEDIATEEEIKKETQRLSLNQTNSETTLSGAMKPLCIPLDQPP
MPPNMKCFWSGKPAKRWCLFGRSY
;
_entity_poly.pdbx_strand_id   A
#
loop_
_chem_comp.id
_chem_comp.type
_chem_comp.name
_chem_comp.formula
EDO non-polymer 1,2-ETHANEDIOL 'C2 H6 O2'
MU5 non-polymer ~{N}-(2,3-dihydro-1~{H}-inden-2-yl)-3-(piperidin-1-ylcarbonylamino)pyrazine-2-carboxamide 'C20 H23 N5 O2'
#
# COMPACT_ATOMS: atom_id res chain seq x y z
N ASN A 8 11.55 -26.31 11.67
CA ASN A 8 10.49 -26.65 10.72
C ASN A 8 9.16 -26.16 11.24
N ILE A 9 8.71 -26.74 12.36
CA ILE A 9 7.49 -26.27 13.02
C ILE A 9 7.55 -24.77 13.26
N LEU A 10 8.74 -24.23 13.54
CA LEU A 10 8.96 -22.81 13.79
C LEU A 10 9.15 -22.00 12.50
N GLY A 11 9.14 -22.63 11.34
CA GLY A 11 9.23 -21.93 10.08
C GLY A 11 7.87 -21.73 9.46
N ILE A 12 7.87 -21.29 8.20
CA ILE A 12 6.66 -21.23 7.40
C ILE A 12 6.41 -22.62 6.82
N THR A 13 5.25 -23.22 7.14
CA THR A 13 5.02 -24.60 6.73
C THR A 13 4.09 -24.71 5.54
N SER A 14 3.62 -23.58 4.99
CA SER A 14 2.87 -23.55 3.72
C SER A 14 3.69 -22.76 2.72
N LYS A 15 3.87 -23.33 1.52
CA LYS A 15 4.57 -22.65 0.43
C LYS A 15 3.70 -21.59 -0.20
N LYS A 16 4.32 -20.46 -0.56
CA LYS A 16 3.60 -19.32 -1.11
C LYS A 16 2.84 -19.71 -2.37
N ILE A 17 3.44 -20.55 -3.19
CA ILE A 17 2.75 -20.91 -4.44
C ILE A 17 1.65 -21.95 -4.19
N GLU A 18 1.81 -22.78 -3.17
CA GLU A 18 0.87 -23.89 -2.97
C GLU A 18 -0.37 -23.50 -2.18
N ASN A 19 -0.23 -22.64 -1.15
CA ASN A 19 -1.38 -22.25 -0.32
C ASN A 19 -1.15 -20.80 0.08
N PHE A 20 -1.39 -19.89 -0.87
CA PHE A 20 -1.04 -18.48 -0.67
C PHE A 20 -1.72 -17.91 0.56
N SER A 21 -2.99 -18.27 0.78
CA SER A 21 -3.72 -17.70 1.91
C SER A 21 -3.14 -18.15 3.24
N ASP A 22 -2.83 -19.44 3.39
CA ASP A 22 -2.21 -19.87 4.65
C ASP A 22 -0.76 -19.39 4.77
N TRP A 23 -0.03 -19.31 3.65
CA TRP A 23 1.32 -18.76 3.69
C TRP A 23 1.28 -17.34 4.25
N TYR A 24 0.35 -16.52 3.76
CA TYR A 24 0.27 -15.14 4.21
C TYR A 24 -0.04 -15.06 5.70
N THR A 25 -0.98 -15.88 6.17
CA THR A 25 -1.30 -15.84 7.58
C THR A 25 -0.10 -16.23 8.43
N GLN A 26 0.60 -17.30 8.05
CA GLN A 26 1.80 -17.69 8.78
C GLN A 26 2.85 -16.60 8.76
N VAL A 27 3.10 -15.98 7.60
CA VAL A 27 4.13 -14.95 7.53
C VAL A 27 3.82 -13.80 8.48
N ILE A 28 2.59 -13.26 8.42
CA ILE A 28 2.32 -12.05 9.22
C ILE A 28 2.28 -12.37 10.72
N VAL A 29 1.92 -13.60 11.09
CA VAL A 29 1.91 -13.96 12.52
C VAL A 29 3.31 -14.28 13.02
N LYS A 30 4.02 -15.16 12.29
CA LYS A 30 5.31 -15.63 12.78
C LYS A 30 6.39 -14.57 12.66
N SER A 31 6.22 -13.56 11.79
CA SER A 31 7.15 -12.44 11.76
C SER A 31 6.85 -11.38 12.83
N GLU A 32 5.82 -11.59 13.68
CA GLU A 32 5.36 -10.62 14.67
C GLU A 32 4.88 -9.29 14.07
N LEU A 33 4.26 -9.33 12.89
CA LEU A 33 3.66 -8.11 12.35
C LEU A 33 2.27 -7.85 12.90
N ILE A 34 1.46 -8.91 13.01
CA ILE A 34 0.02 -8.80 13.17
C ILE A 34 -0.41 -9.68 14.34
N GLU A 35 -1.36 -9.19 15.14
CA GLU A 35 -2.07 -10.07 16.06
C GLU A 35 -3.57 -9.96 15.77
N TYR A 36 -4.26 -11.08 15.88
CA TYR A 36 -5.69 -11.17 15.65
C TYR A 36 -6.43 -10.70 16.90
N TYR A 37 -7.73 -10.44 16.71
CA TYR A 37 -8.50 -9.73 17.72
C TYR A 37 -9.90 -10.32 17.74
N ASP A 38 -10.67 -10.01 18.79
CA ASP A 38 -11.99 -10.63 18.94
C ASP A 38 -13.11 -9.80 18.28
N ILE A 39 -12.76 -8.88 17.39
CA ILE A 39 -13.74 -8.21 16.54
C ILE A 39 -13.29 -8.45 15.11
N SER A 40 -14.14 -9.11 14.34
CA SER A 40 -13.75 -9.50 13.00
C SER A 40 -13.39 -8.29 12.17
N GLY A 41 -12.32 -8.41 11.38
CA GLY A 41 -11.95 -7.32 10.52
C GLY A 41 -11.09 -6.26 11.17
N CYS A 42 -10.74 -6.45 12.44
CA CYS A 42 -9.85 -5.53 13.16
C CYS A 42 -8.59 -6.29 13.54
N TYR A 43 -7.44 -5.71 13.29
CA TYR A 43 -6.19 -6.41 13.62
C TYR A 43 -5.24 -5.50 14.37
N ILE A 44 -4.35 -6.09 15.15
CA ILE A 44 -3.37 -5.32 15.90
C ILE A 44 -2.10 -5.20 15.04
N LEU A 45 -1.55 -3.98 14.93
CA LEU A 45 -0.23 -3.80 14.34
C LEU A 45 0.81 -3.85 15.45
N ARG A 46 1.57 -4.95 15.50
CA ARG A 46 2.64 -5.08 16.48
C ARG A 46 3.80 -4.18 16.05
N PRO A 47 4.81 -4.01 16.90
CA PRO A 47 5.88 -3.02 16.62
C PRO A 47 6.52 -3.14 15.25
N ALA A 48 6.84 -4.35 14.79
CA ALA A 48 7.49 -4.49 13.49
C ALA A 48 6.62 -3.92 12.36
N ALA A 49 5.30 -4.08 12.45
CA ALA A 49 4.42 -3.51 11.43
C ALA A 49 4.29 -2.00 11.58
N TYR A 50 4.15 -1.51 12.84
CA TYR A 50 4.01 -0.08 13.04
C TYR A 50 5.30 0.66 12.67
N TYR A 51 6.45 0.03 12.81
CA TYR A 51 7.69 0.67 12.42
C TYR A 51 7.68 0.98 10.91
N ILE A 52 7.15 0.06 10.10
CA ILE A 52 7.06 0.33 8.66
C ILE A 52 6.19 1.56 8.41
N TRP A 53 5.04 1.62 9.09
CA TRP A 53 4.17 2.77 8.94
C TRP A 53 4.92 4.05 9.27
N GLU A 54 5.66 4.06 10.41
CA GLU A 54 6.39 5.28 10.75
C GLU A 54 7.39 5.67 9.69
N CYS A 55 8.05 4.69 9.07
CA CYS A 55 9.02 5.01 8.03
C CYS A 55 8.35 5.73 6.88
N VAL A 56 7.21 5.21 6.39
CA VAL A 56 6.62 5.81 5.20
C VAL A 56 5.90 7.11 5.59
N GLN A 57 5.43 7.19 6.84
CA GLN A 57 4.91 8.45 7.36
C GLN A 57 5.97 9.54 7.30
N ALA A 58 7.20 9.19 7.71
CA ALA A 58 8.28 10.17 7.71
C ALA A 58 8.57 10.64 6.29
N PHE A 59 8.62 9.70 5.37
CA PHE A 59 8.89 10.08 3.99
C PHE A 59 7.79 10.98 3.43
N PHE A 60 6.53 10.59 3.60
CA PHE A 60 5.44 11.32 2.96
C PHE A 60 5.27 12.70 3.57
N ASN A 61 5.43 12.81 4.90
CA ASN A 61 5.43 14.11 5.56
C ASN A 61 6.46 15.06 4.94
N LYS A 62 7.69 14.56 4.77
CA LYS A 62 8.74 15.42 4.26
C LYS A 62 8.40 15.87 2.85
N GLU A 63 7.80 15.00 2.07
CA GLU A 63 7.49 15.40 0.69
C GLU A 63 6.27 16.31 0.60
N ILE A 64 5.20 16.04 1.37
CA ILE A 64 4.04 16.92 1.23
C ILE A 64 4.34 18.28 1.85
N LYS A 65 5.28 18.35 2.81
CA LYS A 65 5.71 19.66 3.29
C LYS A 65 6.23 20.55 2.16
N LYS A 66 6.95 19.95 1.19
CA LYS A 66 7.44 20.75 0.05
C LYS A 66 6.29 21.28 -0.80
N LEU A 67 5.14 20.65 -0.76
CA LEU A 67 3.97 21.17 -1.45
C LEU A 67 3.14 22.12 -0.57
N ASN A 68 3.66 22.48 0.62
CA ASN A 68 2.96 23.36 1.56
C ASN A 68 1.69 22.74 2.14
N VAL A 69 1.59 21.41 2.20
CA VAL A 69 0.48 20.75 2.89
C VAL A 69 0.83 20.73 4.37
N GLU A 70 -0.14 21.00 5.23
CA GLU A 70 0.09 21.01 6.66
C GLU A 70 -0.77 19.96 7.35
N ASN A 71 -0.18 19.27 8.33
CA ASN A 71 -0.96 18.28 9.06
C ASN A 71 -1.91 18.94 10.05
N SER A 72 -2.97 18.20 10.39
CA SER A 72 -4.07 18.71 11.18
C SER A 72 -4.77 17.50 11.80
N TYR A 73 -5.74 17.74 12.68
CA TYR A 73 -6.49 16.60 13.20
C TYR A 73 -7.94 17.04 13.37
N PHE A 74 -8.87 16.28 12.76
CA PHE A 74 -10.29 16.58 12.83
C PHE A 74 -11.02 15.47 13.56
N PRO A 75 -12.26 15.71 13.98
CA PRO A 75 -12.95 14.71 14.82
C PRO A 75 -13.21 13.38 14.13
N LEU A 76 -13.23 12.34 14.98
CA LEU A 76 -13.60 10.99 14.58
C LEU A 76 -15.06 10.91 14.15
N PHE A 77 -15.89 11.83 14.61
CA PHE A 77 -17.35 11.74 14.48
C PHE A 77 -17.90 12.79 13.54
N VAL A 78 -19.06 12.47 12.93
CA VAL A 78 -19.76 13.37 12.03
C VAL A 78 -21.26 13.27 12.29
N THR A 79 -21.97 14.39 12.20
CA THR A 79 -23.41 14.36 12.39
C THR A 79 -24.12 13.96 11.09
N LYS A 80 -25.35 13.47 11.25
CA LYS A 80 -26.20 13.17 10.08
C LYS A 80 -26.30 14.36 9.14
N ASN A 81 -26.46 15.55 9.71
CA ASN A 81 -26.62 16.78 8.92
C ASN A 81 -25.46 16.98 7.97
N LYS A 82 -24.23 16.84 8.46
CA LYS A 82 -23.07 17.08 7.62
C LYS A 82 -22.82 15.89 6.70
N LEU A 83 -23.00 14.66 7.22
CA LEU A 83 -22.60 13.46 6.51
C LEU A 83 -23.36 13.33 5.19
N GLU A 84 -24.55 13.91 5.13
CA GLU A 84 -25.47 13.72 4.02
C GLU A 84 -25.46 14.86 2.98
N LYS A 85 -24.54 15.82 3.11
CA LYS A 85 -24.60 16.99 2.24
C LYS A 85 -24.34 16.62 0.78
N GLU A 86 -23.41 15.72 0.51
CA GLU A 86 -23.08 15.39 -0.88
C GLU A 86 -23.67 14.00 -1.18
N LYS A 87 -24.60 13.95 -2.16
CA LYS A 87 -25.47 12.79 -2.35
C LYS A 87 -24.70 11.56 -2.84
N ASN A 88 -23.88 11.72 -3.88
CA ASN A 88 -23.13 10.59 -4.42
C ASN A 88 -22.14 10.04 -3.39
N HIS A 89 -21.53 10.93 -2.61
CA HIS A 89 -20.62 10.52 -1.54
C HIS A 89 -21.30 9.58 -0.55
N ILE A 90 -22.40 10.03 0.08
CA ILE A 90 -23.05 9.25 1.15
C ILE A 90 -23.78 8.02 0.58
N GLU A 91 -24.32 8.12 -0.65
CA GLU A 91 -24.98 6.94 -1.23
C GLU A 91 -24.01 5.77 -1.34
N GLY A 92 -22.73 6.07 -1.63
CA GLY A 92 -21.67 5.07 -1.65
C GLY A 92 -21.24 4.53 -0.29
N PHE A 93 -21.12 5.42 0.73
CA PHE A 93 -20.61 4.95 2.02
C PHE A 93 -21.67 4.50 3.02
N SER A 94 -22.93 4.95 2.85
CA SER A 94 -23.90 4.88 3.95
C SER A 94 -24.11 3.47 4.52
N PRO A 95 -24.16 2.39 3.74
CA PRO A 95 -24.28 1.05 4.37
C PRO A 95 -23.06 0.65 5.19
N GLU A 96 -21.89 1.26 5.01
CA GLU A 96 -20.74 0.83 5.79
C GLU A 96 -20.37 1.83 6.88
N VAL A 97 -21.24 2.80 7.17
CA VAL A 97 -20.93 3.80 8.20
C VAL A 97 -21.37 3.23 9.53
N ALA A 98 -20.49 3.29 10.54
CA ALA A 98 -20.82 2.81 11.87
C ALA A 98 -21.34 3.96 12.72
N TRP A 99 -22.42 3.72 13.45
CA TRP A 99 -23.11 4.76 14.20
C TRP A 99 -22.96 4.50 15.70
N VAL A 100 -22.57 5.54 16.41
CA VAL A 100 -22.59 5.56 17.86
C VAL A 100 -23.98 6.04 18.29
N THR A 101 -24.64 5.28 19.17
CA THR A 101 -25.98 5.65 19.62
C THR A 101 -26.15 5.73 21.13
N LYS A 102 -25.14 5.35 21.91
CA LYS A 102 -25.30 5.24 23.35
C LYS A 102 -24.02 5.71 24.02
N TYR A 103 -24.15 6.32 25.19
CA TYR A 103 -23.04 6.44 26.15
C TYR A 103 -23.46 5.68 27.41
N GLY A 104 -22.59 4.79 27.88
CA GLY A 104 -23.04 3.94 28.98
C GLY A 104 -24.30 3.20 28.55
N ASP A 105 -25.31 3.22 29.42
CA ASP A 105 -26.63 2.67 29.10
C ASP A 105 -27.62 3.71 28.61
N SER A 106 -27.19 4.93 28.28
CA SER A 106 -28.09 5.99 27.88
C SER A 106 -28.00 6.24 26.40
N ASN A 107 -29.15 6.45 25.77
CA ASN A 107 -29.13 6.81 24.36
C ASN A 107 -28.61 8.24 24.19
N LEU A 108 -27.78 8.44 23.16
CA LEU A 108 -27.38 9.79 22.79
C LEU A 108 -28.62 10.57 22.36
N PRO A 109 -28.69 11.87 22.65
CA PRO A 109 -29.79 12.70 22.08
C PRO A 109 -29.80 12.69 20.55
N GLU A 110 -28.64 12.71 19.91
CA GLU A 110 -28.54 12.49 18.47
C GLU A 110 -27.45 11.47 18.19
N GLU A 111 -27.76 10.48 17.35
CA GLU A 111 -26.72 9.52 16.96
C GLU A 111 -25.66 10.19 16.10
N ILE A 112 -24.43 9.69 16.19
CA ILE A 112 -23.32 10.26 15.44
C ILE A 112 -22.53 9.15 14.79
N ALA A 113 -21.95 9.46 13.64
CA ALA A 113 -21.27 8.47 12.81
C ALA A 113 -19.77 8.56 13.00
N ILE A 114 -19.12 7.40 12.87
CA ILE A 114 -17.67 7.36 12.79
C ILE A 114 -17.24 7.60 11.35
N ARG A 115 -16.18 8.41 11.18
CA ARG A 115 -15.69 8.74 9.82
C ARG A 115 -15.30 7.49 9.02
N PRO A 116 -15.82 7.33 7.80
CA PRO A 116 -15.23 6.39 6.85
C PRO A 116 -14.17 7.05 5.97
N THR A 117 -14.13 8.37 6.03
CA THR A 117 -13.30 9.31 5.31
C THR A 117 -13.79 10.68 5.79
N SER A 118 -12.95 11.71 5.65
CA SER A 118 -13.29 12.95 6.37
C SER A 118 -13.72 14.11 5.49
N GLU A 119 -14.05 13.90 4.20
CA GLU A 119 -14.53 15.05 3.41
C GLU A 119 -15.63 15.81 4.14
N THR A 120 -16.65 15.08 4.58
N THR A 120 -16.67 15.10 4.60
CA THR A 120 -17.81 15.76 5.12
CA THR A 120 -17.83 15.82 5.13
C THR A 120 -17.44 16.50 6.41
C THR A 120 -17.52 16.47 6.47
N ILE A 121 -16.60 15.89 7.23
CA ILE A 121 -16.17 16.49 8.50
C ILE A 121 -15.37 17.76 8.26
N MET A 122 -14.36 17.67 7.40
CA MET A 122 -13.49 18.83 7.18
C MET A 122 -14.21 19.90 6.40
N TYR A 123 -14.97 19.52 5.37
CA TYR A 123 -15.55 20.57 4.53
C TYR A 123 -16.70 21.26 5.22
N SER A 124 -17.22 20.68 6.32
CA SER A 124 -18.24 21.38 7.09
C SER A 124 -17.71 22.72 7.61
N VAL A 125 -16.39 22.85 7.81
CA VAL A 125 -15.84 24.11 8.32
C VAL A 125 -15.02 24.87 7.30
N PHE A 126 -14.71 24.30 6.13
CA PHE A 126 -13.98 25.06 5.12
C PHE A 126 -14.60 26.41 4.78
N PRO A 127 -15.93 26.58 4.72
CA PRO A 127 -16.48 27.92 4.42
C PRO A 127 -16.03 29.01 5.37
N LYS A 128 -15.74 28.67 6.63
CA LYS A 128 -15.27 29.68 7.59
C LYS A 128 -13.84 30.12 7.28
N TRP A 129 -13.05 29.24 6.68
CA TRP A 129 -11.65 29.49 6.45
C TRP A 129 -11.39 30.09 5.08
N ILE A 130 -12.29 29.90 4.12
CA ILE A 130 -12.08 30.32 2.74
C ILE A 130 -13.15 31.35 2.45
N ARG A 131 -12.76 32.63 2.40
CA ARG A 131 -13.69 33.69 2.09
C ARG A 131 -13.27 34.46 0.86
N SER A 132 -11.97 34.52 0.55
CA SER A 132 -11.50 35.30 -0.58
C SER A 132 -10.35 34.56 -1.24
N TYR A 133 -9.95 35.03 -2.45
CA TYR A 133 -8.85 34.42 -3.18
C TYR A 133 -7.56 34.44 -2.37
N ARG A 134 -7.46 35.36 -1.41
CA ARG A 134 -6.32 35.44 -0.49
C ARG A 134 -6.17 34.20 0.35
N ASP A 135 -7.24 33.44 0.56
CA ASP A 135 -7.27 32.31 1.48
C ASP A 135 -6.88 31.01 0.79
N LEU A 136 -6.43 31.07 -0.45
CA LEU A 136 -6.22 29.87 -1.24
C LEU A 136 -4.79 29.83 -1.75
N PRO A 137 -4.23 28.62 -1.93
CA PRO A 137 -4.86 27.33 -1.70
C PRO A 137 -4.84 26.94 -0.24
N LEU A 138 -5.83 26.17 0.18
CA LEU A 138 -5.84 25.56 1.50
C LEU A 138 -5.37 24.12 1.35
N LYS A 139 -4.37 23.69 2.15
CA LYS A 139 -3.79 22.35 1.94
C LYS A 139 -3.60 21.66 3.29
N LEU A 140 -4.34 20.59 3.52
CA LEU A 140 -4.37 19.92 4.83
C LEU A 140 -4.13 18.44 4.66
N ASN A 141 -3.58 17.83 5.71
CA ASN A 141 -3.48 16.38 5.72
C ASN A 141 -3.81 15.92 7.14
N GLN A 142 -4.34 14.69 7.26
CA GLN A 142 -4.44 14.03 8.57
C GLN A 142 -3.77 12.68 8.52
N TRP A 143 -3.12 12.28 9.64
CA TRP A 143 -2.75 10.88 9.88
C TRP A 143 -3.74 10.34 10.90
N ASN A 144 -4.64 9.44 10.50
CA ASN A 144 -5.67 9.01 11.47
C ASN A 144 -6.10 7.59 11.10
N THR A 145 -7.18 7.09 11.70
CA THR A 145 -7.80 5.89 11.14
C THR A 145 -9.23 6.23 10.79
N VAL A 146 -9.77 5.41 9.88
CA VAL A 146 -11.17 5.47 9.50
C VAL A 146 -11.75 4.08 9.57
N VAL A 147 -13.08 4.02 9.52
CA VAL A 147 -13.85 2.81 9.76
C VAL A 147 -14.82 2.62 8.59
N ARG A 148 -14.72 1.48 7.92
CA ARG A 148 -15.63 1.13 6.82
C ARG A 148 -16.15 -0.27 7.16
N TRP A 149 -17.39 -0.35 7.63
CA TRP A 149 -17.87 -1.58 8.29
C TRP A 149 -18.46 -2.53 7.26
N GLU A 150 -17.57 -3.05 6.40
CA GLU A 150 -18.03 -3.96 5.36
C GLU A 150 -18.15 -5.38 5.89
N PHE A 151 -18.86 -6.21 5.11
CA PHE A 151 -19.06 -7.59 5.46
C PHE A 151 -18.41 -8.52 4.45
N LYS A 152 -17.65 -7.98 3.51
CA LYS A 152 -16.71 -8.80 2.77
C LYS A 152 -15.68 -9.42 3.71
N GLN A 153 -15.05 -10.50 3.23
CA GLN A 153 -14.04 -11.20 4.04
C GLN A 153 -12.85 -10.29 4.29
N PRO A 154 -12.45 -10.05 5.52
CA PRO A 154 -11.31 -9.15 5.75
C PRO A 154 -10.00 -9.90 5.55
N THR A 155 -8.92 -9.13 5.34
CA THR A 155 -7.57 -9.70 5.24
C THR A 155 -6.62 -8.74 5.94
N PRO A 156 -5.77 -9.19 6.87
CA PRO A 156 -4.90 -8.24 7.57
C PRO A 156 -4.16 -7.35 6.59
N PHE A 157 -3.98 -6.08 6.99
CA PHE A 157 -3.37 -5.01 6.23
C PHE A 157 -4.23 -4.53 5.07
N ILE A 158 -4.66 -5.43 4.18
CA ILE A 158 -5.13 -4.97 2.88
C ILE A 158 -6.63 -4.71 2.83
N ARG A 159 -7.44 -5.39 3.68
CA ARG A 159 -8.90 -5.28 3.65
C ARG A 159 -9.38 -5.37 5.12
N THR A 160 -9.49 -4.24 5.77
CA THR A 160 -9.84 -4.25 7.20
C THR A 160 -10.91 -3.21 7.49
N ARG A 161 -11.68 -3.44 8.57
CA ARG A 161 -12.78 -2.52 8.87
C ARG A 161 -12.29 -1.19 9.44
N GLU A 162 -11.27 -1.24 10.27
CA GLU A 162 -10.55 -0.03 10.68
C GLU A 162 -9.19 -0.06 9.99
N PHE A 163 -8.72 1.06 9.46
CA PHE A 163 -7.35 1.08 8.97
C PHE A 163 -6.70 2.43 9.19
N LEU A 164 -5.38 2.39 9.42
CA LEU A 164 -4.54 3.58 9.50
C LEU A 164 -4.31 4.10 8.09
N TRP A 165 -4.32 5.42 7.93
CA TRP A 165 -4.01 6.00 6.62
C TRP A 165 -3.57 7.44 6.81
N GLN A 166 -3.17 8.08 5.71
CA GLN A 166 -3.27 9.53 5.67
C GLN A 166 -4.36 9.88 4.68
N GLU A 167 -5.07 11.00 4.95
CA GLU A 167 -5.99 11.58 3.95
C GLU A 167 -5.62 13.04 3.79
N GLY A 168 -5.24 13.43 2.56
CA GLY A 168 -4.91 14.82 2.26
C GLY A 168 -6.07 15.44 1.50
N HIS A 169 -6.29 16.74 1.72
CA HIS A 169 -7.45 17.47 1.21
C HIS A 169 -6.96 18.86 0.85
N THR A 170 -7.17 19.32 -0.39
CA THR A 170 -6.77 20.65 -0.77
C THR A 170 -7.89 21.34 -1.53
N ALA A 171 -7.84 22.67 -1.50
CA ALA A 171 -8.81 23.53 -2.16
C ALA A 171 -8.07 24.61 -2.91
N HIS A 172 -8.49 24.87 -4.16
CA HIS A 172 -7.75 25.72 -5.06
C HIS A 172 -8.70 26.70 -5.74
N LYS A 173 -8.09 27.75 -6.27
CA LYS A 173 -8.85 28.78 -6.97
C LYS A 173 -9.33 28.33 -8.35
N ASN A 174 -8.77 27.26 -8.93
CA ASN A 174 -9.20 26.82 -10.26
C ASN A 174 -8.89 25.35 -10.48
N GLU A 175 -9.37 24.85 -11.63
CA GLU A 175 -9.16 23.46 -12.00
C GLU A 175 -7.68 23.15 -12.21
N GLU A 176 -6.99 24.01 -12.98
CA GLU A 176 -5.64 23.68 -13.40
C GLU A 176 -4.74 23.39 -12.21
N GLU A 177 -4.81 24.23 -11.19
CA GLU A 177 -3.92 24.07 -10.04
C GLU A 177 -4.28 22.81 -9.25
N ALA A 178 -5.57 22.49 -9.16
CA ALA A 178 -5.97 21.33 -8.39
C ALA A 178 -5.53 20.02 -9.07
N VAL A 179 -5.72 19.95 -10.39
CA VAL A 179 -5.36 18.75 -11.14
C VAL A 179 -3.85 18.52 -11.11
N LYS A 180 -3.06 19.60 -11.22
N LYS A 180 -3.06 19.60 -11.24
CA LYS A 180 -1.60 19.47 -11.08
CA LYS A 180 -1.62 19.46 -11.08
C LYS A 180 -1.23 18.85 -9.73
C LYS A 180 -1.27 18.80 -9.74
N LEU A 181 -1.90 19.27 -8.66
CA LEU A 181 -1.61 18.69 -7.34
C LEU A 181 -2.03 17.21 -7.27
N VAL A 182 -3.19 16.87 -7.84
CA VAL A 182 -3.61 15.47 -7.91
C VAL A 182 -2.48 14.58 -8.41
N PHE A 183 -1.87 14.96 -9.52
CA PHE A 183 -0.87 14.11 -10.12
C PHE A 183 0.48 14.25 -9.45
N ASP A 184 0.75 15.39 -8.80
CA ASP A 184 1.94 15.47 -7.96
C ASP A 184 1.83 14.47 -6.80
N ILE A 185 0.66 14.41 -6.14
CA ILE A 185 0.48 13.45 -5.05
C ILE A 185 0.59 12.02 -5.59
N LEU A 186 0.00 11.75 -6.75
CA LEU A 186 0.07 10.42 -7.32
C LEU A 186 1.52 9.97 -7.54
N ASP A 187 2.41 10.87 -7.98
CA ASP A 187 3.82 10.46 -8.08
C ASP A 187 4.48 10.26 -6.71
N LEU A 188 4.07 11.00 -5.68
CA LEU A 188 4.60 10.71 -4.35
C LEU A 188 4.20 9.31 -3.89
N TYR A 189 2.97 8.86 -4.22
CA TYR A 189 2.61 7.48 -3.92
C TYR A 189 3.46 6.50 -4.73
N ARG A 190 3.75 6.80 -5.99
CA ARG A 190 4.68 5.95 -6.74
C ARG A 190 6.02 5.82 -5.99
N ARG A 191 6.52 6.93 -5.44
CA ARG A 191 7.80 6.93 -4.71
C ARG A 191 7.71 6.19 -3.38
N TRP A 192 6.62 6.40 -2.64
CA TRP A 192 6.39 5.68 -1.37
C TRP A 192 6.50 4.18 -1.64
N TYR A 193 5.82 3.71 -2.70
CA TYR A 193 5.88 2.28 -2.96
C TYR A 193 7.24 1.87 -3.48
N GLU A 194 7.83 2.67 -4.39
CA GLU A 194 9.08 2.27 -5.02
C GLU A 194 10.26 2.42 -4.06
N GLU A 195 10.38 3.56 -3.38
CA GLU A 195 11.64 3.84 -2.68
C GLU A 195 11.69 3.25 -1.28
N TYR A 196 10.53 3.00 -0.69
CA TYR A 196 10.45 2.41 0.65
C TYR A 196 9.98 0.96 0.64
N LEU A 197 9.01 0.61 -0.20
CA LEU A 197 8.48 -0.75 -0.18
C LEU A 197 9.00 -1.63 -1.33
N ALA A 198 9.77 -1.07 -2.25
CA ALA A 198 10.29 -1.76 -3.43
C ALA A 198 9.15 -2.42 -4.23
N VAL A 199 8.03 -1.72 -4.35
CA VAL A 199 6.84 -2.22 -5.05
C VAL A 199 6.58 -1.35 -6.26
N PRO A 200 6.42 -1.92 -7.44
CA PRO A 200 6.00 -1.14 -8.62
C PRO A 200 4.48 -1.01 -8.70
N ILE A 201 4.03 0.14 -9.22
CA ILE A 201 2.60 0.38 -9.38
C ILE A 201 2.34 0.90 -10.78
N ILE A 202 1.05 0.88 -11.18
CA ILE A 202 0.61 1.41 -12.48
C ILE A 202 -0.30 2.61 -12.21
N LYS A 203 0.03 3.75 -12.79
CA LYS A 203 -0.82 4.92 -12.64
C LYS A 203 -1.90 4.90 -13.71
N GLY A 204 -3.11 5.30 -13.33
CA GLY A 204 -4.16 5.40 -14.31
C GLY A 204 -5.34 6.17 -13.73
N ILE A 205 -6.43 6.18 -14.49
CA ILE A 205 -7.66 6.87 -14.13
C ILE A 205 -8.75 5.82 -13.95
N LYS A 206 -9.56 5.97 -12.90
CA LYS A 206 -10.66 5.03 -12.71
C LYS A 206 -11.74 5.23 -13.76
N SER A 207 -12.37 4.12 -14.16
CA SER A 207 -13.58 4.23 -14.96
C SER A 207 -14.65 4.98 -14.17
N GLU A 208 -15.70 5.42 -14.89
CA GLU A 208 -16.76 6.17 -14.20
C GLU A 208 -17.43 5.34 -13.10
N GLY A 209 -17.62 4.04 -13.33
CA GLY A 209 -18.27 3.23 -12.30
C GLY A 209 -17.41 2.94 -11.09
N GLU A 210 -16.10 3.17 -11.16
CA GLU A 210 -15.21 2.85 -10.09
C GLU A 210 -14.63 4.08 -9.37
N LYS A 211 -14.92 5.30 -9.85
CA LYS A 211 -14.32 6.47 -9.23
C LYS A 211 -14.99 6.76 -7.87
N PHE A 212 -14.33 7.59 -7.08
CA PHE A 212 -14.79 7.93 -5.75
C PHE A 212 -16.11 8.66 -5.81
N GLY A 213 -17.00 8.43 -4.84
CA GLY A 213 -18.29 9.11 -4.91
C GLY A 213 -18.09 10.61 -4.70
N GLY A 214 -18.65 11.39 -5.58
CA GLY A 214 -18.46 12.84 -5.55
C GLY A 214 -17.23 13.35 -6.27
N ALA A 215 -16.36 12.47 -6.77
CA ALA A 215 -15.20 12.94 -7.50
C ALA A 215 -15.58 13.32 -8.91
N ASN A 216 -14.87 14.30 -9.45
CA ASN A 216 -14.93 14.55 -10.88
C ASN A 216 -14.16 13.46 -11.62
N PHE A 217 -12.90 13.19 -11.21
CA PHE A 217 -12.22 11.97 -11.64
C PHE A 217 -11.33 11.46 -10.51
N THR A 218 -11.03 10.16 -10.55
CA THR A 218 -10.14 9.54 -9.57
C THR A 218 -8.93 9.01 -10.31
N SER A 219 -7.74 9.45 -9.90
CA SER A 219 -6.54 8.81 -10.40
C SER A 219 -6.15 7.76 -9.37
N THR A 220 -5.40 6.79 -9.81
CA THR A 220 -5.15 5.65 -8.96
C THR A 220 -3.76 5.08 -9.25
N ALA A 221 -3.17 4.47 -8.22
CA ALA A 221 -1.98 3.63 -8.35
C ALA A 221 -2.46 2.20 -8.10
N GLU A 222 -2.25 1.33 -9.08
CA GLU A 222 -2.70 -0.07 -9.01
C GLU A 222 -1.49 -0.97 -8.85
N ALA A 223 -1.61 -1.92 -7.92
CA ALA A 223 -0.61 -2.97 -7.79
C ALA A 223 -1.21 -4.31 -8.19
N PHE A 224 -0.35 -5.30 -8.36
CA PHE A 224 -0.84 -6.61 -8.79
C PHE A 224 -0.14 -7.69 -7.98
N ILE A 225 -0.95 -8.60 -7.44
CA ILE A 225 -0.48 -9.73 -6.66
C ILE A 225 -0.41 -10.91 -7.64
N SER A 226 0.80 -11.23 -8.11
CA SER A 226 0.98 -12.25 -9.13
C SER A 226 0.57 -13.63 -8.66
N GLU A 227 0.68 -13.94 -7.37
N GLU A 227 0.71 -13.92 -7.37
CA GLU A 227 0.49 -15.32 -6.95
CA GLU A 227 0.47 -15.27 -6.87
C GLU A 227 -0.96 -15.77 -6.98
C GLU A 227 -0.96 -15.72 -7.13
N ASN A 228 -1.93 -14.85 -6.88
CA ASN A 228 -3.32 -15.23 -7.05
C ASN A 228 -4.01 -14.44 -8.16
N GLY A 229 -3.24 -13.66 -8.94
CA GLY A 229 -3.84 -13.00 -10.08
C GLY A 229 -4.75 -11.83 -9.73
N ARG A 230 -4.51 -11.14 -8.62
CA ARG A 230 -5.44 -10.11 -8.14
C ARG A 230 -4.80 -8.73 -8.20
N ALA A 231 -5.49 -7.79 -8.83
CA ALA A 231 -5.10 -6.39 -8.70
C ALA A 231 -5.56 -5.84 -7.36
N ILE A 232 -4.94 -4.74 -6.94
CA ILE A 232 -5.39 -4.09 -5.70
C ILE A 232 -5.03 -2.63 -5.78
N GLN A 233 -5.96 -1.77 -5.37
CA GLN A 233 -5.67 -0.35 -5.41
C GLN A 233 -4.64 -0.01 -4.33
N ALA A 234 -3.51 0.53 -4.75
CA ALA A 234 -2.43 0.85 -3.82
C ALA A 234 -2.58 2.23 -3.20
N ALA A 235 -3.14 3.19 -3.92
CA ALA A 235 -3.30 4.56 -3.42
C ALA A 235 -4.27 5.25 -4.35
N THR A 236 -4.80 6.41 -3.92
CA THR A 236 -5.73 7.13 -4.79
C THR A 236 -5.59 8.64 -4.61
N SER A 237 -5.85 9.39 -5.70
CA SER A 237 -5.79 10.84 -5.68
C SER A 237 -6.90 11.37 -6.57
N HIS A 238 -7.87 12.06 -5.96
CA HIS A 238 -9.11 12.47 -6.60
C HIS A 238 -9.07 13.96 -6.93
N TYR A 239 -9.51 14.29 -8.16
CA TYR A 239 -9.98 15.63 -8.45
C TYR A 239 -11.47 15.71 -8.09
N LEU A 240 -11.81 16.45 -7.03
CA LEU A 240 -13.23 16.58 -6.66
C LEU A 240 -13.94 17.69 -7.43
N GLY A 241 -13.17 18.48 -8.18
CA GLY A 241 -13.80 19.58 -8.88
C GLY A 241 -14.48 20.50 -7.90
N THR A 242 -15.63 21.03 -8.30
CA THR A 242 -16.47 21.83 -7.41
C THR A 242 -17.59 21.02 -6.78
N ASN A 243 -17.57 19.68 -6.87
CA ASN A 243 -18.74 18.88 -6.47
C ASN A 243 -19.02 19.01 -4.96
N PHE A 244 -17.98 18.90 -4.12
CA PHE A 244 -18.17 19.12 -2.69
C PHE A 244 -18.32 20.59 -2.33
N ALA A 245 -17.69 21.48 -3.11
CA ALA A 245 -17.85 22.91 -2.87
C ALA A 245 -19.30 23.33 -3.05
N LYS A 246 -19.98 22.77 -4.04
CA LYS A 246 -21.42 23.06 -4.20
C LYS A 246 -22.20 22.63 -2.96
N MET A 247 -21.95 21.43 -2.46
CA MET A 247 -22.83 20.90 -1.43
C MET A 247 -22.54 21.48 -0.06
N PHE A 248 -21.30 21.88 0.20
CA PHE A 248 -20.91 22.53 1.45
C PHE A 248 -20.85 24.04 1.35
N LYS A 249 -21.15 24.60 0.16
CA LYS A 249 -21.16 26.05 -0.04
C LYS A 249 -19.80 26.65 0.30
N ILE A 250 -18.75 26.06 -0.29
CA ILE A 250 -17.38 26.52 -0.12
C ILE A 250 -17.11 27.46 -1.28
N GLU A 251 -17.41 28.75 -1.07
CA GLU A 251 -17.30 29.79 -2.08
C GLU A 251 -16.28 30.84 -1.63
N PHE A 252 -15.63 31.46 -2.59
CA PHE A 252 -14.69 32.51 -2.28
C PHE A 252 -14.90 33.65 -3.26
N GLU A 253 -14.64 34.86 -2.79
CA GLU A 253 -14.72 36.02 -3.66
C GLU A 253 -13.41 36.14 -4.41
N ASP A 254 -13.46 36.15 -5.75
CA ASP A 254 -12.21 36.15 -6.50
C ASP A 254 -11.71 37.59 -6.68
N GLU A 255 -10.61 37.73 -7.44
CA GLU A 255 -10.01 39.04 -7.62
C GLU A 255 -10.94 40.00 -8.32
N ASN A 256 -11.93 39.49 -9.04
CA ASN A 256 -12.85 40.36 -9.76
C ASN A 256 -14.13 40.59 -8.97
N GLU A 257 -14.14 40.19 -7.68
CA GLU A 257 -15.29 40.35 -6.77
C GLU A 257 -16.45 39.42 -7.16
N VAL A 258 -16.17 38.30 -7.81
CA VAL A 258 -17.18 37.33 -8.22
C VAL A 258 -17.06 36.10 -7.34
N LYS A 259 -18.19 35.58 -6.87
CA LYS A 259 -18.15 34.34 -6.07
C LYS A 259 -17.85 33.14 -6.96
N GLN A 260 -16.92 32.32 -6.53
CA GLN A 260 -16.52 31.11 -7.23
C GLN A 260 -16.52 29.95 -6.28
N TYR A 261 -16.68 28.75 -6.80
CA TYR A 261 -16.44 27.57 -5.96
C TYR A 261 -14.96 27.21 -5.99
N VAL A 262 -14.46 26.72 -4.84
CA VAL A 262 -13.13 26.14 -4.83
C VAL A 262 -13.11 24.86 -5.65
N HIS A 263 -11.94 24.53 -6.15
CA HIS A 263 -11.70 23.25 -6.81
C HIS A 263 -10.90 22.38 -5.85
N GLN A 264 -11.38 21.17 -5.59
CA GLN A 264 -10.84 20.44 -4.45
C GLN A 264 -10.18 19.14 -4.89
N THR A 265 -9.30 18.63 -4.01
CA THR A 265 -8.66 17.33 -4.20
C THR A 265 -8.75 16.59 -2.88
N SER A 266 -8.79 15.26 -2.94
CA SER A 266 -8.44 14.51 -1.73
C SER A 266 -7.67 13.27 -2.16
N TRP A 267 -6.85 12.74 -1.25
CA TRP A 267 -5.95 11.66 -1.67
C TRP A 267 -5.57 10.85 -0.43
N GLY A 268 -5.53 9.52 -0.59
CA GLY A 268 -5.21 8.66 0.56
C GLY A 268 -4.36 7.46 0.20
N CYS A 269 -3.70 6.94 1.21
CA CYS A 269 -2.88 5.74 1.10
C CYS A 269 -2.79 5.15 2.51
N THR A 270 -2.87 3.83 2.63
CA THR A 270 -3.16 3.20 3.92
C THR A 270 -2.08 2.16 4.26
N THR A 271 -2.25 1.48 5.41
CA THR A 271 -1.41 0.33 5.72
C THR A 271 -1.64 -0.86 4.79
N ARG A 272 -2.61 -0.78 3.88
CA ARG A 272 -2.64 -1.75 2.79
C ARG A 272 -1.29 -1.82 2.08
N SER A 273 -0.57 -0.69 2.02
CA SER A 273 0.72 -0.69 1.35
C SER A 273 1.68 -1.71 1.97
N ILE A 274 1.61 -1.89 3.30
CA ILE A 274 2.44 -2.90 3.95
C ILE A 274 2.04 -4.32 3.50
N GLY A 275 0.72 -4.58 3.41
CA GLY A 275 0.29 -5.89 2.94
C GLY A 275 0.74 -6.16 1.52
N ILE A 276 0.71 -5.14 0.68
CA ILE A 276 1.18 -5.32 -0.71
C ILE A 276 2.67 -5.65 -0.73
N MET A 277 3.47 -4.95 0.09
CA MET A 277 4.89 -5.27 0.21
C MET A 277 5.11 -6.70 0.65
N ILE A 278 4.41 -7.15 1.72
CA ILE A 278 4.56 -8.53 2.20
C ILE A 278 4.24 -9.55 1.09
N MET A 279 3.08 -9.41 0.45
CA MET A 279 2.69 -10.37 -0.59
C MET A 279 3.68 -10.34 -1.75
N THR A 280 4.30 -9.18 -2.00
CA THR A 280 5.23 -9.07 -3.13
C THR A 280 6.55 -9.79 -2.84
N HIS A 281 7.24 -9.38 -1.76
CA HIS A 281 8.61 -9.88 -1.56
C HIS A 281 8.69 -11.11 -0.65
N GLY A 282 7.66 -11.35 0.16
CA GLY A 282 7.69 -12.50 1.06
C GLY A 282 7.98 -13.79 0.33
N ASP A 283 8.68 -14.70 0.99
CA ASP A 283 9.03 -15.98 0.37
C ASP A 283 8.76 -17.14 1.34
N ASP A 284 9.25 -18.34 1.03
CA ASP A 284 8.89 -19.49 1.85
C ASP A 284 9.67 -19.56 3.16
N LYS A 285 10.58 -18.62 3.40
CA LYS A 285 11.23 -18.47 4.70
C LYS A 285 10.57 -17.40 5.54
N GLY A 286 9.64 -16.63 4.96
CA GLY A 286 8.89 -15.64 5.71
C GLY A 286 8.96 -14.25 5.14
N LEU A 287 8.92 -13.28 6.04
CA LEU A 287 8.96 -11.89 5.66
C LEU A 287 10.28 -11.52 5.03
N VAL A 288 10.22 -10.63 4.03
CA VAL A 288 11.41 -10.04 3.39
C VAL A 288 11.17 -8.54 3.38
N LEU A 289 12.00 -7.80 4.11
CA LEU A 289 11.83 -6.36 4.29
C LEU A 289 12.83 -5.62 3.43
N PRO A 290 12.40 -4.62 2.67
CA PRO A 290 13.35 -3.64 2.11
C PRO A 290 14.05 -2.94 3.25
N PRO A 291 15.36 -2.73 3.16
CA PRO A 291 16.09 -2.14 4.30
C PRO A 291 15.50 -0.84 4.82
N ASN A 292 14.92 0.01 3.94
CA ASN A 292 14.33 1.27 4.43
C ASN A 292 13.16 1.10 5.37
N VAL A 293 12.56 -0.08 5.48
CA VAL A 293 11.50 -0.19 6.47
C VAL A 293 11.80 -1.27 7.52
N SER A 294 13.06 -1.67 7.67
CA SER A 294 13.48 -2.63 8.69
C SER A 294 14.20 -1.90 9.83
N LYS A 295 13.72 -2.11 11.08
CA LYS A 295 14.40 -1.50 12.23
C LYS A 295 15.86 -1.94 12.27
N TYR A 296 16.10 -3.24 12.28
CA TYR A 296 17.45 -3.78 12.25
C TYR A 296 17.84 -4.04 10.80
N LYS A 297 18.94 -3.42 10.33
CA LYS A 297 19.43 -3.75 9.00
C LYS A 297 20.22 -5.06 8.99
N VAL A 298 20.86 -5.41 10.11
CA VAL A 298 21.77 -6.55 10.21
C VAL A 298 21.50 -7.26 11.54
N VAL A 299 21.53 -8.60 11.49
CA VAL A 299 21.60 -9.43 12.69
C VAL A 299 22.93 -10.16 12.63
N ILE A 300 23.65 -10.14 13.74
CA ILE A 300 24.94 -10.80 13.87
C ILE A 300 24.70 -12.06 14.67
N VAL A 301 25.10 -13.23 14.14
CA VAL A 301 24.87 -14.50 14.80
C VAL A 301 26.21 -15.17 15.09
N PRO A 302 26.45 -15.61 16.33
CA PRO A 302 27.68 -16.31 16.65
C PRO A 302 27.53 -17.82 16.49
N ILE A 303 28.65 -18.45 16.12
CA ILE A 303 28.75 -19.90 15.94
C ILE A 303 29.86 -20.40 16.85
N PHE A 304 29.55 -21.38 17.70
CA PHE A 304 30.51 -21.91 18.67
C PHE A 304 30.78 -23.39 18.41
N TYR A 305 31.99 -23.82 18.74
CA TYR A 305 32.29 -25.25 18.79
C TYR A 305 32.90 -25.65 20.14
N LYS A 306 33.32 -24.68 20.93
CA LYS A 306 33.90 -24.97 22.24
CA THR A 308 39.26 -16.45 24.48
C THR A 308 38.74 -17.52 23.52
N ASP A 309 37.63 -18.17 23.89
CA ASP A 309 36.91 -19.05 22.99
C ASP A 309 35.53 -18.48 22.71
N GLU A 310 34.58 -18.76 23.61
CA GLU A 310 33.28 -18.10 23.49
C GLU A 310 33.42 -16.59 23.68
N ASN A 311 34.32 -16.16 24.56
CA ASN A 311 34.55 -14.72 24.74
C ASN A 311 35.19 -14.11 23.49
N ALA A 312 36.04 -14.86 22.79
CA ALA A 312 36.64 -14.34 21.57
C ALA A 312 35.59 -14.07 20.51
N ILE A 313 34.65 -15.01 20.33
CA ILE A 313 33.54 -14.79 19.39
C ILE A 313 32.68 -13.61 19.83
N HIS A 314 32.38 -13.52 21.14
CA HIS A 314 31.54 -12.43 21.63
C HIS A 314 32.19 -11.07 21.38
N SER A 315 33.48 -10.96 21.72
CA SER A 315 34.19 -9.70 21.53
C SER A 315 34.22 -9.29 20.07
N TYR A 316 34.38 -10.26 19.17
CA TYR A 316 34.45 -9.98 17.74
C TYR A 316 33.10 -9.52 17.20
N CYS A 317 32.02 -10.23 17.57
CA CYS A 317 30.69 -9.83 17.13
C CYS A 317 30.31 -8.45 17.67
N LYS A 318 30.67 -8.17 18.93
CA LYS A 318 30.44 -6.82 19.46
C LYS A 318 31.24 -5.76 18.71
N ASP A 319 32.46 -6.06 18.26
CA ASP A 319 33.17 -5.10 17.42
C ASP A 319 32.39 -4.80 16.15
N ILE A 320 31.82 -5.81 15.51
CA ILE A 320 31.08 -5.54 14.28
C ILE A 320 29.82 -4.72 14.59
N GLU A 321 29.16 -5.00 15.72
CA GLU A 321 28.01 -4.19 16.13
C GLU A 321 28.39 -2.73 16.33
N LYS A 322 29.56 -2.46 16.95
CA LYS A 322 30.00 -1.08 17.14
C LYS A 322 30.29 -0.40 15.80
N ILE A 323 30.84 -1.15 14.84
CA ILE A 323 31.17 -0.54 13.56
C ILE A 323 29.90 -0.12 12.85
N LEU A 324 28.87 -0.97 12.92
CA LEU A 324 27.64 -0.63 12.22
C LEU A 324 26.88 0.48 12.95
N LYS A 325 26.74 0.37 14.28
CA LYS A 325 25.97 1.38 14.98
C LYS A 325 26.65 2.75 14.90
N ASN A 326 27.99 2.79 14.90
CA ASN A 326 28.71 4.06 14.75
C ASN A 326 28.42 4.71 13.40
N ALA A 327 28.08 3.92 12.40
CA ALA A 327 27.74 4.42 11.07
C ALA A 327 26.23 4.54 10.86
N GLN A 328 25.44 4.61 11.94
CA GLN A 328 23.99 4.84 11.87
C GLN A 328 23.24 3.66 11.24
N ILE A 329 23.78 2.45 11.34
CA ILE A 329 23.12 1.27 10.81
C ILE A 329 22.66 0.43 12.00
N ASN A 330 21.38 0.48 12.30
CA ASN A 330 20.89 -0.25 13.46
C ASN A 330 21.01 -1.75 13.20
N CYS A 331 21.41 -2.49 14.24
CA CYS A 331 21.60 -3.92 14.14
C CYS A 331 21.40 -4.57 15.50
N VAL A 332 21.32 -5.89 15.50
CA VAL A 332 21.15 -6.68 16.72
C VAL A 332 22.17 -7.81 16.68
N TYR A 333 22.82 -8.04 17.81
CA TYR A 333 23.69 -9.18 18.01
C TYR A 333 22.92 -10.21 18.82
N ASP A 334 22.57 -11.34 18.19
CA ASP A 334 21.77 -12.36 18.86
C ASP A 334 22.70 -13.28 19.63
N ASP A 335 22.99 -12.92 20.88
CA ASP A 335 23.89 -13.70 21.71
C ASP A 335 23.15 -14.57 22.71
N ARG A 336 21.90 -14.93 22.40
CA ARG A 336 21.10 -15.74 23.33
C ARG A 336 21.72 -17.14 23.47
N ALA A 337 21.92 -17.57 24.72
CA ALA A 337 22.70 -18.78 24.94
C ALA A 337 21.90 -20.06 24.70
N SER A 338 20.57 -19.98 24.72
CA SER A 338 19.74 -21.17 24.77
C SER A 338 19.40 -21.72 23.40
N TYR A 339 19.67 -20.98 22.33
CA TYR A 339 19.23 -21.32 20.98
C TYR A 339 20.43 -21.56 20.06
N SER A 340 20.28 -22.53 19.17
CA SER A 340 21.32 -22.89 18.22
C SER A 340 21.48 -21.80 17.15
N PRO A 341 22.63 -21.77 16.48
CA PRO A 341 22.76 -20.86 15.32
C PRO A 341 21.61 -21.01 14.31
N GLY A 342 21.24 -22.26 13.96
CA GLY A 342 20.20 -22.47 12.97
C GLY A 342 18.83 -21.99 13.43
N TYR A 343 18.57 -22.12 14.72
CA TYR A 343 17.40 -21.46 15.29
C TYR A 343 17.44 -19.96 15.00
N LYS A 344 18.58 -19.33 15.29
CA LYS A 344 18.68 -17.89 15.10
C LYS A 344 18.60 -17.50 13.65
N PHE A 345 19.17 -18.32 12.76
CA PHE A 345 19.06 -18.03 11.33
C PHE A 345 17.60 -17.93 10.92
N ASN A 346 16.82 -18.95 11.25
CA ASN A 346 15.40 -18.98 10.93
C ASN A 346 14.64 -17.86 11.65
N HIS A 347 14.93 -17.67 12.93
CA HIS A 347 14.27 -16.65 13.73
C HIS A 347 14.28 -15.30 13.01
N TRP A 348 15.46 -14.85 12.58
CA TRP A 348 15.57 -13.53 11.94
C TRP A 348 15.20 -13.56 10.46
N GLU A 349 15.39 -14.68 9.77
CA GLU A 349 14.86 -14.75 8.40
C GLU A 349 13.35 -14.57 8.40
N LEU A 350 12.68 -15.26 9.32
CA LEU A 350 11.24 -15.16 9.47
C LEU A 350 10.80 -13.71 9.64
N ARG A 351 11.58 -12.94 10.40
CA ARG A 351 11.29 -11.56 10.76
C ARG A 351 11.77 -10.57 9.70
N GLY A 352 12.34 -11.07 8.61
CA GLY A 352 12.66 -10.23 7.47
C GLY A 352 13.93 -9.39 7.53
N ILE A 353 14.86 -9.70 8.45
CA ILE A 353 16.06 -8.85 8.58
C ILE A 353 16.86 -8.93 7.29
N PRO A 354 17.32 -7.80 6.72
CA PRO A 354 17.94 -7.84 5.37
C PRO A 354 19.25 -8.63 5.27
N ILE A 355 20.11 -8.53 6.29
CA ILE A 355 21.47 -9.06 6.23
C ILE A 355 21.71 -9.81 7.54
N ARG A 356 22.23 -11.03 7.44
CA ARG A 356 22.79 -11.74 8.59
C ARG A 356 24.30 -11.76 8.41
N ILE A 357 25.02 -11.45 9.48
CA ILE A 357 26.46 -11.65 9.56
C ILE A 357 26.71 -12.80 10.52
N GLU A 358 27.41 -13.84 10.03
CA GLU A 358 27.76 -15.02 10.81
C GLU A 358 29.22 -14.95 11.21
N VAL A 359 29.52 -15.25 12.48
CA VAL A 359 30.89 -15.27 12.98
C VAL A 359 31.11 -16.57 13.73
N GLY A 360 31.95 -17.45 13.18
CA GLY A 360 32.40 -18.63 13.88
C GLY A 360 33.91 -18.61 14.06
N PRO A 361 34.47 -19.72 14.57
CA PRO A 361 35.94 -19.76 14.80
C PRO A 361 36.78 -19.60 13.54
N LYS A 362 36.39 -20.24 12.43
CA LYS A 362 37.17 -20.12 11.20
C LYS A 362 37.11 -18.70 10.61
N ASP A 363 35.98 -17.99 10.80
CA ASP A 363 35.91 -16.58 10.38
C ASP A 363 36.78 -15.70 11.25
N LEU A 364 36.74 -15.93 12.57
CA LEU A 364 37.62 -15.19 13.48
C LEU A 364 39.09 -15.38 13.11
N GLN A 365 39.48 -16.62 12.77
CA GLN A 365 40.88 -16.89 12.45
C GLN A 365 41.31 -16.24 11.14
N ASN A 366 40.38 -16.04 10.21
CA ASN A 366 40.64 -15.35 8.96
C ASN A 366 40.34 -13.85 9.04
N ASN A 367 39.93 -13.35 10.21
CA ASN A 367 39.62 -11.94 10.40
C ASN A 367 38.53 -11.49 9.43
N SER A 368 37.54 -12.36 9.21
CA SER A 368 36.42 -12.08 8.32
C SER A 368 35.14 -12.53 8.99
N CYS A 369 34.07 -12.54 8.21
CA CYS A 369 32.75 -12.99 8.64
C CYS A 369 32.00 -13.37 7.37
N VAL A 370 30.87 -14.05 7.55
CA VAL A 370 30.01 -14.43 6.45
C VAL A 370 28.84 -13.47 6.43
N ILE A 371 28.62 -12.81 5.30
CA ILE A 371 27.52 -11.87 5.14
C ILE A 371 26.49 -12.48 4.19
N VAL A 372 25.24 -12.60 4.65
CA VAL A 372 24.20 -13.37 3.99
C VAL A 372 23.01 -12.45 3.70
N ARG A 373 22.68 -12.29 2.42
CA ARG A 373 21.51 -11.50 2.01
C ARG A 373 20.21 -12.30 2.16
N ARG A 374 19.20 -11.64 2.71
CA ARG A 374 17.89 -12.26 2.93
C ARG A 374 17.14 -12.50 1.62
N ASP A 375 17.40 -11.68 0.59
CA ASP A 375 16.54 -11.80 -0.59
C ASP A 375 16.91 -13.02 -1.42
N ASN A 376 18.20 -13.26 -1.65
CA ASN A 376 18.61 -14.37 -2.50
C ASN A 376 19.52 -15.38 -1.78
N ASN A 377 19.76 -15.22 -0.47
CA ASN A 377 20.54 -16.16 0.33
C ASN A 377 21.98 -16.28 -0.10
N GLU A 378 22.49 -15.37 -0.94
CA GLU A 378 23.90 -15.43 -1.31
C GLU A 378 24.78 -15.13 -0.11
N LYS A 379 25.86 -15.89 0.02
CA LYS A 379 26.78 -15.74 1.14
C LYS A 379 28.11 -15.25 0.61
N CYS A 380 28.76 -14.31 1.30
CA CYS A 380 30.16 -14.06 0.95
C CYS A 380 30.98 -13.71 2.19
N ASN A 381 32.26 -14.07 2.10
CA ASN A 381 33.24 -13.81 3.14
C ASN A 381 33.80 -12.39 2.98
N VAL A 382 33.68 -11.58 4.01
CA VAL A 382 34.11 -10.19 4.00
C VAL A 382 35.09 -9.99 5.15
N LYS A 383 36.28 -9.45 4.84
CA LYS A 383 37.20 -9.08 5.89
C LYS A 383 36.58 -8.06 6.82
N LYS A 384 36.97 -8.11 8.09
CA LYS A 384 36.39 -7.24 9.12
C LYS A 384 36.38 -5.78 8.70
N GLU A 385 37.50 -5.30 8.17
CA GLU A 385 37.63 -3.88 7.85
C GLU A 385 36.79 -3.45 6.66
N SER A 386 36.26 -4.38 5.87
N SER A 386 36.27 -4.39 5.88
CA SER A 386 35.41 -4.03 4.74
CA SER A 386 35.42 -4.10 4.72
C SER A 386 33.93 -4.32 5.01
C SER A 386 33.93 -4.31 5.02
N VAL A 387 33.57 -4.68 6.24
CA VAL A 387 32.18 -5.00 6.52
C VAL A 387 31.28 -3.78 6.39
N LEU A 388 31.74 -2.61 6.86
CA LEU A 388 30.88 -1.43 6.81
C LEU A 388 30.50 -1.10 5.37
N LEU A 389 31.49 -1.04 4.48
CA LEU A 389 31.21 -0.67 3.09
C LEU A 389 30.40 -1.75 2.39
N GLU A 390 30.78 -3.02 2.56
CA GLU A 390 30.04 -4.09 1.93
C GLU A 390 28.58 -4.09 2.38
N THR A 391 28.35 -3.87 3.69
CA THR A 391 26.97 -3.82 4.19
C THR A 391 26.20 -2.68 3.55
N GLN A 392 26.84 -1.51 3.43
CA GLN A 392 26.17 -0.35 2.86
C GLN A 392 25.72 -0.63 1.44
N GLN A 393 26.64 -1.14 0.61
CA GLN A 393 26.32 -1.40 -0.79
C GLN A 393 25.32 -2.54 -0.93
N MET A 394 25.41 -3.55 -0.07
CA MET A 394 24.49 -4.69 -0.14
C MET A 394 23.07 -4.29 0.26
N LEU A 395 22.91 -3.38 1.23
CA LEU A 395 21.56 -2.91 1.57
C LEU A 395 20.95 -2.17 0.38
N VAL A 396 21.75 -1.36 -0.30
CA VAL A 396 21.28 -0.70 -1.51
C VAL A 396 20.89 -1.75 -2.56
N ASP A 397 21.70 -2.79 -2.69
N ASP A 397 21.71 -2.79 -2.70
CA ASP A 397 21.51 -3.75 -3.77
CA ASP A 397 21.48 -3.75 -3.78
C ASP A 397 20.29 -4.63 -3.52
C ASP A 397 20.27 -4.63 -3.52
N ILE A 398 20.03 -4.98 -2.26
CA ILE A 398 18.85 -5.78 -1.93
C ILE A 398 17.58 -5.03 -2.37
N HIS A 399 17.50 -3.76 -2.02
CA HIS A 399 16.34 -2.96 -2.40
C HIS A 399 16.16 -2.96 -3.91
N LYS A 400 17.25 -2.71 -4.63
CA LYS A 400 17.18 -2.67 -6.09
C LYS A 400 16.71 -4.01 -6.65
N ASN A 401 17.27 -5.10 -6.14
CA ASN A 401 16.89 -6.44 -6.59
C ASN A 401 15.41 -6.71 -6.31
N LEU A 402 14.95 -6.41 -5.09
CA LEU A 402 13.54 -6.63 -4.77
C LEU A 402 12.63 -5.86 -5.72
N PHE A 403 12.99 -4.60 -6.01
CA PHE A 403 12.14 -3.80 -6.88
C PHE A 403 12.16 -4.33 -8.32
N LEU A 404 13.36 -4.59 -8.86
CA LEU A 404 13.45 -5.06 -10.25
C LEU A 404 12.74 -6.39 -10.44
N LYS A 405 12.89 -7.31 -9.48
CA LYS A 405 12.20 -8.59 -9.57
C LYS A 405 10.70 -8.41 -9.55
N ALA A 406 10.21 -7.52 -8.70
CA ALA A 406 8.78 -7.22 -8.60
C ALA A 406 8.28 -6.54 -9.88
N LYS A 407 9.07 -5.63 -10.44
CA LYS A 407 8.63 -4.95 -11.65
C LYS A 407 8.57 -5.89 -12.85
N LYS A 408 9.47 -6.88 -12.90
CA LYS A 408 9.42 -7.84 -14.00
C LYS A 408 8.14 -8.68 -13.90
N LYS A 409 7.78 -9.08 -12.68
CA LYS A 409 6.55 -9.82 -12.44
C LYS A 409 5.31 -8.99 -12.78
N LEU A 410 5.32 -7.70 -12.46
CA LEU A 410 4.19 -6.85 -12.83
C LEU A 410 4.06 -6.76 -14.35
N ASP A 411 5.17 -6.42 -15.02
CA ASP A 411 5.19 -6.39 -16.48
C ASP A 411 4.64 -7.68 -17.08
N ASP A 412 5.08 -8.81 -16.55
CA ASP A 412 4.70 -10.12 -17.08
C ASP A 412 3.24 -10.48 -16.78
N SER A 413 2.56 -9.70 -15.95
N SER A 413 2.54 -9.71 -15.96
CA SER A 413 1.19 -9.97 -15.53
CA SER A 413 1.17 -10.04 -15.59
C SER A 413 0.13 -9.26 -16.38
C SER A 413 0.13 -9.47 -16.54
N ILE A 414 0.53 -8.63 -17.49
CA ILE A 414 -0.40 -7.93 -18.36
C ILE A 414 -0.40 -8.61 -19.73
N VAL A 415 -1.59 -8.94 -20.22
CA VAL A 415 -1.76 -9.42 -21.59
C VAL A 415 -2.62 -8.40 -22.31
N GLN A 416 -2.14 -7.90 -23.44
CA GLN A 416 -2.94 -7.03 -24.27
C GLN A 416 -3.80 -7.88 -25.22
N VAL A 417 -5.10 -7.61 -25.24
CA VAL A 417 -6.08 -8.36 -26.01
C VAL A 417 -6.91 -7.37 -26.82
N THR A 418 -7.53 -7.87 -27.89
CA THR A 418 -8.50 -7.06 -28.63
C THR A 418 -9.92 -7.60 -28.61
N SER A 419 -10.15 -8.87 -28.24
CA SER A 419 -11.48 -9.45 -28.20
C SER A 419 -11.73 -10.10 -26.84
N PHE A 420 -13.01 -10.28 -26.53
CA PHE A 420 -13.35 -10.89 -25.25
C PHE A 420 -12.99 -12.37 -25.21
N SER A 421 -12.93 -13.02 -26.37
CA SER A 421 -12.59 -14.44 -26.38
C SER A 421 -11.15 -14.71 -25.93
N GLU A 422 -10.33 -13.68 -25.77
CA GLU A 422 -9.00 -13.84 -25.21
C GLU A 422 -8.98 -13.56 -23.72
N VAL A 423 -10.04 -12.94 -23.21
CA VAL A 423 -10.02 -12.45 -21.84
C VAL A 423 -10.00 -13.60 -20.85
N MET A 424 -10.91 -14.58 -20.99
CA MET A 424 -11.00 -15.58 -19.93
C MET A 424 -9.72 -16.39 -19.85
N ASN A 425 -9.10 -16.64 -21.01
CA ASN A 425 -7.85 -17.38 -21.04
C ASN A 425 -6.77 -16.69 -20.21
N ALA A 426 -6.61 -15.37 -20.41
CA ALA A 426 -5.61 -14.64 -19.64
C ALA A 426 -5.98 -14.55 -18.14
N LEU A 427 -7.25 -14.31 -17.82
CA LEU A 427 -7.64 -14.29 -16.41
C LEU A 427 -7.26 -15.58 -15.69
N ASN A 428 -7.54 -16.73 -16.32
CA ASN A 428 -7.26 -17.98 -15.64
C ASN A 428 -5.77 -18.27 -15.63
N LYS A 429 -4.97 -17.49 -16.34
CA LYS A 429 -3.53 -17.58 -16.18
C LYS A 429 -3.04 -16.58 -15.16
N LYS A 430 -3.94 -16.02 -14.34
CA LYS A 430 -3.62 -15.08 -13.26
C LYS A 430 -3.07 -13.76 -13.81
N LYS A 431 -3.58 -13.33 -14.97
CA LYS A 431 -3.12 -12.12 -15.63
C LYS A 431 -4.19 -11.04 -15.53
N MET A 432 -3.75 -9.80 -15.75
CA MET A 432 -4.62 -8.69 -16.09
C MET A 432 -4.66 -8.55 -17.60
N VAL A 433 -5.74 -7.96 -18.12
CA VAL A 433 -5.80 -7.71 -19.57
C VAL A 433 -5.81 -6.20 -19.81
N LEU A 434 -5.09 -5.78 -20.85
CA LEU A 434 -5.17 -4.42 -21.36
C LEU A 434 -5.98 -4.49 -22.66
N ALA A 435 -7.13 -3.85 -22.69
CA ALA A 435 -8.10 -4.07 -23.75
C ALA A 435 -8.72 -2.77 -24.22
N PRO A 436 -9.09 -2.68 -25.49
CA PRO A 436 -9.70 -1.46 -26.02
C PRO A 436 -11.16 -1.39 -25.56
N TRP A 437 -11.57 -0.22 -25.08
CA TRP A 437 -12.85 -0.15 -24.38
C TRP A 437 -13.57 1.17 -24.72
N CYS A 438 -14.90 1.09 -24.90
CA CYS A 438 -15.69 2.30 -25.20
C CYS A 438 -15.90 3.16 -23.96
N GLU A 439 -15.72 2.60 -22.76
CA GLU A 439 -15.79 3.30 -21.49
C GLU A 439 -17.20 3.67 -21.03
N ASP A 440 -18.26 3.15 -21.68
CA ASP A 440 -19.63 3.38 -21.23
C ASP A 440 -19.88 2.72 -19.88
N ILE A 441 -20.33 3.51 -18.89
CA ILE A 441 -20.44 2.98 -17.54
C ILE A 441 -21.33 1.74 -17.50
N ALA A 442 -22.33 1.66 -18.40
CA ALA A 442 -23.27 0.53 -18.37
C ALA A 442 -22.56 -0.80 -18.61
N THR A 443 -21.45 -0.81 -19.35
CA THR A 443 -20.75 -2.06 -19.67
C THR A 443 -19.99 -2.61 -18.48
N GLU A 444 -19.73 -1.80 -17.44
CA GLU A 444 -18.90 -2.29 -16.34
C GLU A 444 -19.58 -3.44 -15.61
N GLU A 445 -20.84 -3.26 -15.19
CA GLU A 445 -21.60 -4.32 -14.55
C GLU A 445 -21.73 -5.54 -15.47
N GLU A 446 -21.93 -5.32 -16.77
CA GLU A 446 -22.07 -6.43 -17.71
C GLU A 446 -20.80 -7.26 -17.75
N ILE A 447 -19.65 -6.59 -17.78
CA ILE A 447 -18.39 -7.29 -17.83
C ILE A 447 -18.16 -8.05 -16.53
N LYS A 448 -18.50 -7.43 -15.39
CA LYS A 448 -18.31 -8.09 -14.09
C LYS A 448 -19.16 -9.34 -14.00
N LYS A 449 -20.44 -9.25 -14.41
CA LYS A 449 -21.35 -10.40 -14.30
C LYS A 449 -20.91 -11.56 -15.18
N GLU A 450 -20.50 -11.27 -16.42
CA GLU A 450 -20.20 -12.33 -17.37
C GLU A 450 -18.87 -13.00 -17.07
N THR A 451 -17.83 -12.21 -16.74
CA THR A 451 -16.58 -12.85 -16.33
C THR A 451 -16.78 -13.67 -15.04
N GLN A 452 -17.62 -13.21 -14.12
CA GLN A 452 -17.89 -14.02 -12.93
C GLN A 452 -18.62 -15.29 -13.31
N ARG A 453 -19.61 -15.19 -14.21
CA ARG A 453 -20.32 -16.39 -14.64
C ARG A 453 -19.37 -17.37 -15.30
N LEU A 454 -18.44 -16.88 -16.11
CA LEU A 454 -17.56 -17.80 -16.82
C LEU A 454 -16.43 -18.33 -15.96
N SER A 455 -16.30 -17.85 -14.73
CA SER A 455 -15.24 -18.33 -13.85
C SER A 455 -15.56 -19.66 -13.17
N LEU A 456 -16.69 -20.29 -13.50
CA LEU A 456 -17.13 -21.52 -12.84
C LEU A 456 -16.01 -22.56 -12.63
N THR A 459 -12.78 -22.49 -12.05
CA THR A 459 -11.45 -21.95 -12.34
C THR A 459 -10.95 -20.94 -11.28
N ASN A 460 -11.50 -21.03 -10.06
CA ASN A 460 -11.00 -20.29 -8.91
C ASN A 460 -11.02 -21.20 -7.69
N SER A 461 -9.96 -21.14 -6.89
CA SER A 461 -9.88 -21.87 -5.62
C SER A 461 -9.82 -20.91 -4.43
N GLU A 462 -10.28 -19.67 -4.62
CA GLU A 462 -10.46 -18.70 -3.55
C GLU A 462 -11.94 -18.65 -3.19
N THR A 463 -12.25 -18.89 -1.93
CA THR A 463 -13.64 -18.91 -1.52
C THR A 463 -14.19 -17.54 -1.15
N THR A 464 -13.35 -16.51 -1.02
CA THR A 464 -13.82 -15.26 -0.43
C THR A 464 -13.53 -14.04 -1.28
N LEU A 465 -13.00 -14.22 -2.50
CA LEU A 465 -12.79 -13.15 -3.45
C LEU A 465 -13.61 -13.46 -4.70
N SER A 466 -14.03 -12.41 -5.39
CA SER A 466 -14.97 -12.58 -6.51
C SER A 466 -14.27 -13.16 -7.73
N GLY A 467 -15.02 -13.92 -8.53
CA GLY A 467 -14.55 -14.29 -9.85
C GLY A 467 -14.68 -13.19 -10.88
N ALA A 468 -15.37 -12.11 -10.55
CA ALA A 468 -15.56 -11.03 -11.52
C ALA A 468 -14.24 -10.34 -11.86
N MET A 469 -14.09 -9.95 -13.13
CA MET A 469 -13.05 -9.01 -13.49
C MET A 469 -13.70 -7.64 -13.61
N LYS A 470 -13.02 -6.60 -13.14
CA LYS A 470 -13.57 -5.26 -13.19
C LYS A 470 -12.59 -4.33 -13.87
N PRO A 471 -13.03 -3.14 -14.28
CA PRO A 471 -12.07 -2.16 -14.80
C PRO A 471 -11.18 -1.69 -13.67
N LEU A 472 -9.86 -1.80 -13.88
CA LEU A 472 -8.93 -1.43 -12.82
C LEU A 472 -8.49 0.04 -12.97
N CYS A 473 -7.92 0.39 -14.13
CA CYS A 473 -7.63 1.79 -14.41
C CYS A 473 -7.40 1.91 -15.91
N ILE A 474 -7.69 3.10 -16.43
CA ILE A 474 -7.26 3.51 -17.77
C ILE A 474 -5.84 4.05 -17.59
N PRO A 475 -4.82 3.34 -18.00
CA PRO A 475 -3.45 3.78 -17.66
C PRO A 475 -3.13 5.13 -18.27
N LEU A 476 -2.36 5.94 -17.55
CA LEU A 476 -1.90 7.20 -18.11
C LEU A 476 -1.03 6.99 -19.33
N ASP A 477 -0.30 5.86 -19.37
CA ASP A 477 0.59 5.53 -20.50
C ASP A 477 -0.23 4.67 -21.46
N GLN A 478 -0.67 5.27 -22.56
CA GLN A 478 -1.59 4.63 -23.48
C GLN A 478 -0.84 4.17 -24.70
N PRO A 479 -1.06 2.94 -25.17
CA PRO A 479 -0.60 2.56 -26.52
C PRO A 479 -1.41 3.32 -27.53
N PRO A 480 -0.93 3.40 -28.78
CA PRO A 480 -1.76 3.91 -29.86
C PRO A 480 -3.08 3.15 -29.95
N MET A 481 -4.16 3.87 -30.32
CA MET A 481 -5.44 3.24 -30.60
C MET A 481 -5.61 3.14 -32.11
N PRO A 482 -5.46 1.96 -32.70
CA PRO A 482 -5.56 1.85 -34.17
C PRO A 482 -6.86 2.45 -34.68
N PRO A 483 -6.84 2.96 -35.91
CA PRO A 483 -7.95 3.81 -36.38
C PRO A 483 -9.33 3.19 -36.25
N ASN A 484 -9.52 1.91 -36.55
CA ASN A 484 -10.86 1.37 -36.40
C ASN A 484 -10.94 0.29 -35.33
N MET A 485 -10.23 0.45 -34.22
CA MET A 485 -10.31 -0.54 -33.17
C MET A 485 -11.68 -0.46 -32.47
N LYS A 486 -12.34 -1.60 -32.30
CA LYS A 486 -13.63 -1.63 -31.62
C LYS A 486 -13.46 -1.98 -30.15
N CYS A 487 -14.46 -1.60 -29.34
CA CYS A 487 -14.51 -2.02 -27.94
C CYS A 487 -14.62 -3.54 -27.85
N PHE A 488 -13.83 -4.14 -26.94
CA PHE A 488 -13.77 -5.61 -26.87
C PHE A 488 -15.06 -6.23 -26.38
N TRP A 489 -15.93 -5.45 -25.77
CA TRP A 489 -17.15 -5.90 -25.15
C TRP A 489 -18.38 -5.51 -25.95
N SER A 490 -18.47 -4.22 -26.30
CA SER A 490 -19.65 -3.68 -26.94
C SER A 490 -19.59 -3.66 -28.47
N GLY A 491 -18.39 -3.72 -29.06
CA GLY A 491 -18.26 -3.58 -30.50
C GLY A 491 -18.37 -2.16 -31.01
N LYS A 492 -18.64 -1.20 -30.13
CA LYS A 492 -18.65 0.22 -30.45
C LYS A 492 -17.21 0.70 -30.65
N PRO A 493 -17.01 1.90 -31.21
CA PRO A 493 -15.64 2.41 -31.35
C PRO A 493 -14.95 2.45 -29.99
N ALA A 494 -13.76 1.86 -29.92
CA ALA A 494 -12.98 1.90 -28.67
C ALA A 494 -12.40 3.28 -28.45
N LYS A 495 -12.37 3.74 -27.19
CA LYS A 495 -11.84 5.06 -26.86
C LYS A 495 -10.37 5.00 -26.45
N ARG A 496 -10.07 4.22 -25.42
CA ARG A 496 -8.73 4.11 -24.87
C ARG A 496 -8.54 2.67 -24.44
N TRP A 497 -7.29 2.35 -24.08
CA TRP A 497 -6.98 1.03 -23.55
C TRP A 497 -7.21 1.08 -22.05
N CYS A 498 -7.83 0.03 -21.51
CA CYS A 498 -8.12 -0.02 -20.07
C CYS A 498 -7.62 -1.36 -19.51
N LEU A 499 -7.08 -1.34 -18.28
CA LEU A 499 -6.72 -2.57 -17.59
C LEU A 499 -7.93 -3.14 -16.87
N PHE A 500 -8.17 -4.43 -17.05
CA PHE A 500 -9.21 -5.16 -16.35
C PHE A 500 -8.56 -6.34 -15.64
N GLY A 501 -9.15 -6.74 -14.53
CA GLY A 501 -8.67 -7.92 -13.86
C GLY A 501 -9.54 -8.26 -12.66
N ARG A 502 -9.32 -9.45 -12.12
CA ARG A 502 -9.86 -9.76 -10.80
C ARG A 502 -9.11 -8.95 -9.77
N SER A 503 -9.73 -8.73 -8.61
CA SER A 503 -9.11 -7.78 -7.70
C SER A 503 -9.50 -8.11 -6.27
N TYR A 504 -8.74 -7.52 -5.37
CA TYR A 504 -9.12 -7.45 -3.97
C TYR A 504 -10.13 -6.34 -3.74
N PRO B . -10.99 10.37 0.95
CA PRO B . -10.60 9.78 -0.35
C PRO B . -10.88 8.27 -0.34
O PRO B . -10.61 7.55 -1.31
CB PRO B . -9.09 10.05 -0.43
CG PRO B . -8.66 10.18 1.16
CD PRO B . -9.86 11.09 1.58
OXT PRO B . -11.37 7.78 0.71
N1 MU5 C . -6.66 -0.10 3.21
N3 MU5 C . -11.19 -1.62 3.66
C4 MU5 C . -8.90 -1.00 3.31
C5 MU5 C . -10.32 -0.98 2.87
C6 MU5 C . -12.61 -1.68 3.30
C7 MU5 C . -12.88 -2.76 2.24
C8 MU5 C . -13.11 -3.98 3.06
C10 MU5 C . -13.44 -2.14 4.50
C13 MU5 C . -13.28 -6.32 3.66
C15 MU5 C . -7.11 2.87 -1.11
C17 MU5 C . -8.01 5.06 -0.24
N MU5 C . -8.25 0.69 1.67
C MU5 C . -7.36 1.27 0.78
O MU5 C . -6.19 0.97 0.73
C1 MU5 C . -7.92 -0.17 2.73
C11 MU5 C . -13.57 -4.63 5.35
C12 MU5 C . -13.51 -5.97 4.98
C14 MU5 C . -13.08 -5.34 2.71
C16 MU5 C . -6.76 4.27 -0.61
C18 MU5 C . -8.93 4.27 0.73
C19 MU5 C . -9.17 2.83 0.22
C2 MU5 C . -6.40 -0.90 4.26
C3 MU5 C . -7.35 -1.73 4.82
C9 MU5 C . -13.37 -3.65 4.39
N2 MU5 C . -8.61 -1.79 4.35
N4 MU5 C . -7.91 2.16 -0.10
O1 MU5 C . -10.69 -0.36 1.86
C1 EDO D . -4.53 -13.80 1.29
O1 EDO D . -5.21 -13.14 0.21
C2 EDO D . -5.56 -14.24 2.32
O2 EDO D . -4.97 -14.82 3.51
C1 EDO E . 11.81 5.89 11.37
O1 EDO E . 11.17 7.16 11.43
C2 EDO E . 10.88 4.89 12.01
O2 EDO E . 10.83 5.21 13.40
C1 EDO F . 9.08 -14.34 -3.90
O1 EDO F . 10.18 -13.42 -3.95
C2 EDO F . 8.10 -13.79 -4.92
O2 EDO F . 6.91 -14.58 -4.86
C1 EDO G . 12.76 -5.82 11.73
O1 EDO G . 13.74 -5.37 12.68
C2 EDO G . 11.37 -5.34 12.08
O2 EDO G . 11.36 -3.91 12.13
C1 EDO H . 10.16 16.18 -5.47
O1 EDO H . 10.62 15.84 -4.15
C2 EDO H . 9.13 15.17 -6.00
O2 EDO H . 9.58 13.80 -6.02
C1 EDO I . 4.28 18.78 6.47
O1 EDO I . 5.45 18.63 7.31
C2 EDO I . 3.01 18.30 7.16
O2 EDO I . 2.73 19.19 8.28
C1 EDO J . -11.11 5.29 -5.31
O1 EDO J . -11.31 4.37 -6.40
C2 EDO J . -11.83 4.81 -4.05
O2 EDO J . -11.04 3.84 -3.33
C1 EDO K . -5.24 8.48 -19.20
O1 EDO K . -5.42 9.86 -18.80
C2 EDO K . -5.17 8.40 -20.72
O2 EDO K . -6.03 9.43 -21.24
C1 EDO L . -7.73 13.34 -16.31
O1 EDO L . -6.47 12.99 -16.90
C2 EDO L . -8.66 12.19 -16.64
O2 EDO L . -10.02 12.63 -16.63
C1 EDO M . 5.08 7.33 -14.03
O1 EDO M . 6.11 6.71 -13.27
C2 EDO M . 5.38 8.81 -14.17
O2 EDO M . 4.18 9.49 -14.52
C1 EDO N . -26.88 -1.64 6.56
O1 EDO N . -25.96 -1.58 5.47
C2 EDO N . -28.25 -1.02 6.24
O2 EDO N . -28.10 0.34 5.78
C1 EDO O . 19.18 -14.40 5.58
O1 EDO O . 20.02 -13.22 5.64
C2 EDO O . 19.58 -15.34 4.46
O2 EDO O . 18.54 -16.26 4.17
C1 EDO P . -15.34 27.35 -9.84
O1 EDO P . -14.18 28.12 -9.49
C2 EDO P . -16.44 28.20 -10.46
O2 EDO P . -17.28 28.82 -9.49
C1 EDO Q . 0.07 17.99 -14.29
O1 EDO Q . 0.90 16.84 -14.14
C2 EDO Q . -1.35 17.54 -14.57
O2 EDO Q . -2.22 18.67 -14.46
C1 EDO R . 14.15 14.07 -3.95
O1 EDO R . 13.09 15.00 -4.20
C2 EDO R . 14.60 14.15 -2.48
O2 EDO R . 13.62 13.57 -1.61
C1 EDO S . -11.11 -1.07 -1.43
O1 EDO S . -10.91 -2.49 -1.55
C2 EDO S . -10.76 -0.35 -2.74
O2 EDO S . -9.48 0.29 -2.70
C1 EDO T . 19.00 -16.17 26.29
O1 EDO T . 18.82 -17.57 25.99
C2 EDO T . 20.05 -15.96 27.39
O2 EDO T . 21.26 -15.34 26.90
C1 EDO U . 3.94 -18.12 15.94
O1 EDO U . 4.20 -16.84 16.54
C2 EDO U . 2.45 -18.44 15.98
O2 EDO U . 2.06 -19.28 14.87
C1 EDO V . -8.82 -14.62 17.39
O1 EDO V . -9.62 -13.94 16.41
C2 EDO V . -8.47 -13.69 18.55
O2 EDO V . -9.64 -13.36 19.31
C1 EDO W . 5.89 15.98 -5.46
O1 EDO W . 5.53 17.32 -5.20
C2 EDO W . 5.19 15.59 -6.74
O2 EDO W . 5.41 14.23 -7.02
C1 EDO X . -2.64 30.21 -5.52
O1 EDO X . -2.10 29.90 -6.79
C2 EDO X . -3.88 31.05 -5.74
O2 EDO X . -4.71 31.06 -4.59
#